data_2ZVJ
#
_entry.id   2ZVJ
#
_cell.length_a   50.448
_cell.length_b   50.448
_cell.length_c   167.626
_cell.angle_alpha   90.00
_cell.angle_beta   90.00
_cell.angle_gamma   120.00
#
_symmetry.space_group_name_H-M   'P 32 2 1'
#
loop_
_entity.id
_entity.type
_entity.pdbx_description
1 polymer 'Catechol O-methyltransferase'
2 non-polymer 'MAGNESIUM ION'
3 non-polymer S-ADENOSYLMETHIONINE
4 non-polymer 7,8-dihydroxy-4-phenyl-2H-chromen-2-one
5 water water
#
_entity_poly.entity_id   1
_entity_poly.type   'polypeptide(L)'
_entity_poly.pdbx_seq_one_letter_code
;GSMGDTKEQRILRYVQQNAKPGDPQSVLEAIDTYCTQKEWAMNVGDAKGQIMDAVIREYSPSLVLELGAYCGYSAVRMAR
LLQPGARLLTMEMNPDYAAITQQMLNFAGLQDKVTILNGASQDLIPQLKKKYDVDTLDMVFLDHWKDRYLPDTLLLEKCG
LLRKGTVLLADNVIVPGTPDFLAYVRGSSSFECTHYSSYLEYMKVVDGLEKAIYQGPSSPDKS
;
_entity_poly.pdbx_strand_id   A
#
loop_
_chem_comp.id
_chem_comp.type
_chem_comp.name
_chem_comp.formula
KOM non-polymer 7,8-dihydroxy-4-phenyl-2H-chromen-2-one 'C15 H10 O4'
MG non-polymer 'MAGNESIUM ION' 'Mg 2'
SAM non-polymer S-ADENOSYLMETHIONINE 'C15 H22 N6 O5 S'
#
# COMPACT_ATOMS: atom_id res chain seq x y z
N ASP A 5 23.93 2.13 -10.68
CA ASP A 5 23.10 2.85 -9.66
C ASP A 5 21.72 3.28 -10.17
N THR A 6 20.70 2.91 -9.39
CA THR A 6 19.28 2.94 -9.76
C THR A 6 18.53 3.94 -8.89
N LYS A 7 17.54 4.63 -9.45
CA LYS A 7 16.78 5.65 -8.69
C LYS A 7 16.32 5.18 -7.30
N GLU A 8 15.90 3.93 -7.25
CA GLU A 8 15.37 3.34 -6.03
C GLU A 8 16.49 3.12 -4.99
N GLN A 9 17.60 2.55 -5.42
CA GLN A 9 18.73 2.36 -4.49
C GLN A 9 19.44 3.69 -4.20
N ARG A 10 19.08 4.71 -4.95
CA ARG A 10 19.52 6.06 -4.66
C ARG A 10 18.71 6.52 -3.47
N ILE A 11 17.42 6.19 -3.45
CA ILE A 11 16.54 6.53 -2.32
C ILE A 11 16.91 5.75 -1.04
N LEU A 12 17.14 4.46 -1.19
CA LEU A 12 17.55 3.60 -0.09
C LEU A 12 18.80 4.13 0.59
N ARG A 13 19.78 4.56 -0.22
CA ARG A 13 21.02 5.17 0.29
C ARG A 13 20.76 6.50 1.02
N TYR A 14 19.88 7.34 0.48
CA TYR A 14 19.56 8.60 1.12
C TYR A 14 19.00 8.32 2.52
N VAL A 15 18.05 7.40 2.60
CA VAL A 15 17.47 7.02 3.87
C VAL A 15 18.51 6.53 4.89
N GLN A 16 19.41 5.66 4.44
CA GLN A 16 20.43 5.11 5.32
C GLN A 16 21.43 6.17 5.69
N GLN A 17 21.46 7.26 4.95
CA GLN A 17 22.35 8.34 5.26
C GLN A 17 21.67 9.45 6.05
N ASN A 18 20.35 9.52 5.97
CA ASN A 18 19.68 10.66 6.57
C ASN A 18 18.65 10.38 7.64
N ALA A 19 18.12 9.16 7.68
CA ALA A 19 17.11 8.85 8.68
C ALA A 19 17.72 8.20 9.92
N LYS A 20 17.00 8.32 11.03
CA LYS A 20 17.47 7.78 12.28
C LYS A 20 17.00 6.33 12.29
N PRO A 21 17.94 5.36 12.35
CA PRO A 21 17.52 3.96 12.20
C PRO A 21 16.56 3.51 13.30
N GLY A 22 15.60 2.66 12.92
CA GLY A 22 14.58 2.16 13.87
C GLY A 22 13.47 3.16 14.11
N ASP A 23 13.48 4.25 13.37
CA ASP A 23 12.48 5.30 13.50
C ASP A 23 11.68 5.52 12.18
N PRO A 24 10.51 4.85 12.06
CA PRO A 24 9.64 4.88 10.88
C PRO A 24 9.33 6.27 10.38
N GLN A 25 8.99 7.17 11.31
CA GLN A 25 8.63 8.55 10.97
C GLN A 25 9.78 9.25 10.26
N SER A 26 10.98 9.07 10.77
CA SER A 26 12.21 9.62 10.18
C SER A 26 12.48 9.12 8.76
N VAL A 27 12.31 7.81 8.56
CA VAL A 27 12.45 7.15 7.26
C VAL A 27 11.49 7.77 6.24
N LEU A 28 10.20 7.80 6.57
CA LEU A 28 9.18 8.51 5.77
C LEU A 28 9.62 9.91 5.32
N GLU A 29 10.09 10.71 6.26
CA GLU A 29 10.45 12.09 5.99
C GLU A 29 11.70 12.22 5.14
N ALA A 30 12.60 11.24 5.22
CA ALA A 30 13.75 11.25 4.35
C ALA A 30 13.27 10.97 2.93
N ILE A 31 12.42 9.94 2.77
CA ILE A 31 11.84 9.62 1.45
C ILE A 31 11.10 10.83 0.85
N ASP A 32 10.24 11.47 1.65
CA ASP A 32 9.46 12.61 1.16
C ASP A 32 10.31 13.80 0.72
N THR A 33 11.35 14.14 1.48
CA THR A 33 12.18 15.26 1.04
C THR A 33 13.02 14.88 -0.19
N TYR A 34 13.64 13.71 -0.18
CA TYR A 34 14.37 13.23 -1.36
C TYR A 34 13.56 13.35 -2.65
N CYS A 35 12.28 13.00 -2.57
CA CYS A 35 11.40 12.94 -3.72
C CYS A 35 10.76 14.29 -4.05
N THR A 36 10.70 15.17 -3.06
CA THR A 36 10.19 16.54 -3.23
C THR A 36 11.28 17.48 -3.75
N GLN A 37 12.51 17.34 -3.23
CA GLN A 37 13.59 18.28 -3.59
C GLN A 37 14.53 17.84 -4.74
N LYS A 38 14.67 16.53 -4.96
CA LYS A 38 15.55 16.03 -6.02
C LYS A 38 14.87 15.21 -7.15
N GLU A 39 14.53 13.95 -6.88
CA GLU A 39 13.89 13.10 -7.88
C GLU A 39 12.46 12.70 -7.48
N TRP A 40 11.50 12.93 -8.37
CA TRP A 40 10.14 12.40 -8.22
C TRP A 40 10.10 10.86 -8.33
N ALA A 41 9.35 10.24 -7.42
CA ALA A 41 9.15 8.79 -7.42
C ALA A 41 7.65 8.55 -7.18
N MET A 42 7.16 7.32 -7.34
CA MET A 42 5.71 7.07 -7.28
C MET A 42 5.23 6.51 -5.93
N ASN A 43 5.87 6.94 -4.86
CA ASN A 43 5.41 6.62 -3.51
C ASN A 43 4.09 7.34 -3.32
N VAL A 44 3.18 6.76 -2.54
CA VAL A 44 1.91 7.45 -2.22
C VAL A 44 2.10 8.92 -1.74
N GLY A 45 3.20 9.20 -1.04
CA GLY A 45 3.51 10.57 -0.68
C GLY A 45 2.85 10.97 0.63
N ASP A 46 3.20 12.16 1.11
CA ASP A 46 2.77 12.58 2.45
C ASP A 46 1.29 13.01 2.57
N ALA A 47 0.78 13.77 1.60
CA ALA A 47 -0.61 14.25 1.66
C ALA A 47 -1.64 13.12 1.66
N LYS A 48 -1.46 12.12 0.78
CA LYS A 48 -2.36 10.96 0.80
C LYS A 48 -1.95 10.03 1.91
N GLY A 49 -0.65 10.08 2.23
CA GLY A 49 -0.09 9.38 3.41
C GLY A 49 -0.88 9.68 4.69
N GLN A 50 -1.10 10.97 4.95
CA GLN A 50 -1.91 11.42 6.12
C GLN A 50 -3.35 10.88 6.08
N ILE A 51 -3.98 10.89 4.92
CA ILE A 51 -5.29 10.23 4.78
C ILE A 51 -5.25 8.75 5.19
N MET A 52 -4.22 8.03 4.74
CA MET A 52 -4.07 6.59 5.02
C MET A 52 -3.88 6.37 6.51
N ASP A 53 -2.97 7.14 7.12
CA ASP A 53 -2.79 7.10 8.61
C ASP A 53 -4.16 7.13 9.30
N ALA A 54 -4.96 8.15 8.98
CA ALA A 54 -6.31 8.37 9.53
C ALA A 54 -7.21 7.18 9.40
N VAL A 55 -7.34 6.65 8.16
CA VAL A 55 -8.12 5.41 7.92
C VAL A 55 -7.63 4.18 8.69
N ILE A 56 -6.31 3.97 8.74
CA ILE A 56 -5.75 2.85 9.53
C ILE A 56 -5.99 3.04 11.03
N ARG A 57 -5.72 4.25 11.52
CA ARG A 57 -6.06 4.52 12.92
C ARG A 57 -7.52 4.18 13.20
N GLU A 58 -8.43 4.57 12.30
CA GLU A 58 -9.84 4.29 12.50
C GLU A 58 -10.17 2.80 12.57
N TYR A 59 -9.64 2.02 11.62
CA TYR A 59 -10.01 0.59 11.53
C TYR A 59 -9.08 -0.34 12.34
N SER A 60 -7.91 0.16 12.70
CA SER A 60 -6.86 -0.69 13.30
C SER A 60 -6.95 -2.15 12.84
N PRO A 61 -6.61 -2.39 11.55
CA PRO A 61 -6.66 -3.74 10.96
C PRO A 61 -5.61 -4.68 11.58
N SER A 62 -6.00 -5.92 11.88
CA SER A 62 -5.03 -6.97 12.22
C SER A 62 -4.20 -7.45 11.04
N LEU A 63 -4.84 -7.52 9.87
CA LEU A 63 -4.17 -8.05 8.67
C LEU A 63 -4.39 -7.15 7.46
N VAL A 64 -3.29 -6.57 6.98
CA VAL A 64 -3.34 -5.71 5.82
C VAL A 64 -2.59 -6.34 4.63
N LEU A 65 -3.18 -6.20 3.44
CA LEU A 65 -2.52 -6.60 2.20
C LEU A 65 -2.20 -5.34 1.40
N GLU A 66 -0.92 -5.12 1.09
CA GLU A 66 -0.51 -4.08 0.14
C GLU A 66 -0.25 -4.72 -1.28
N LEU A 67 -0.87 -4.15 -2.31
CA LEU A 67 -0.51 -4.50 -3.68
C LEU A 67 0.42 -3.43 -4.21
N GLY A 68 1.71 -3.74 -4.29
CA GLY A 68 2.68 -2.82 -4.90
C GLY A 68 3.48 -2.05 -3.84
N ALA A 69 4.73 -2.48 -3.63
CA ALA A 69 5.59 -2.05 -2.53
C ALA A 69 6.55 -0.96 -2.96
N TYR A 70 7.16 -1.20 -4.11
CA TYR A 70 8.12 -0.28 -4.69
C TYR A 70 9.36 -0.18 -3.78
N CYS A 71 9.63 0.99 -3.21
CA CYS A 71 10.76 1.20 -2.29
C CYS A 71 10.42 1.01 -0.80
N GLY A 72 9.16 0.72 -0.50
CA GLY A 72 8.73 0.47 0.88
C GLY A 72 8.05 1.63 1.63
N TYR A 73 7.95 2.79 1.01
CA TYR A 73 7.37 3.97 1.66
C TYR A 73 6.00 3.74 2.31
N SER A 74 5.05 3.22 1.55
CA SER A 74 3.69 3.02 2.06
C SER A 74 3.59 1.85 3.01
N ALA A 75 4.50 0.90 2.90
CA ALA A 75 4.52 -0.26 3.82
C ALA A 75 5.01 0.18 5.21
N VAL A 76 6.00 1.08 5.21
CA VAL A 76 6.53 1.68 6.44
C VAL A 76 5.46 2.56 7.06
N ARG A 77 4.79 3.34 6.21
CA ARG A 77 3.70 4.26 6.59
C ARG A 77 2.62 3.52 7.37
N MET A 78 2.21 2.36 6.86
CA MET A 78 1.14 1.57 7.45
C MET A 78 1.56 0.73 8.66
N ALA A 79 2.72 0.07 8.56
CA ALA A 79 3.15 -0.88 9.58
C ALA A 79 3.52 -0.17 10.87
N ARG A 80 3.98 1.08 10.76
CA ARG A 80 4.28 1.89 11.96
C ARG A 80 3.02 2.10 12.82
N LEU A 81 1.83 2.02 12.22
CA LEU A 81 0.58 2.28 12.92
C LEU A 81 -0.18 1.02 13.32
N LEU A 82 0.39 -0.15 13.05
CA LEU A 82 -0.29 -1.39 13.41
C LEU A 82 -0.09 -1.69 14.89
N GLN A 83 -1.08 -2.33 15.53
CA GLN A 83 -0.97 -2.73 16.93
C GLN A 83 -0.06 -3.96 17.05
N PRO A 84 0.44 -4.27 18.26
CA PRO A 84 1.24 -5.50 18.45
C PRO A 84 0.52 -6.77 17.94
N GLY A 85 1.25 -7.60 17.19
CA GLY A 85 0.68 -8.81 16.58
C GLY A 85 -0.08 -8.64 15.26
N ALA A 86 -0.37 -7.40 14.86
CA ALA A 86 -0.92 -7.14 13.55
C ALA A 86 0.19 -7.25 12.48
N ARG A 87 -0.23 -7.55 11.26
CA ARG A 87 0.64 -8.09 10.20
C ARG A 87 0.33 -7.35 8.88
N LEU A 88 1.38 -6.96 8.17
CA LEU A 88 1.25 -6.47 6.81
C LEU A 88 1.88 -7.48 5.85
N LEU A 89 1.17 -7.78 4.77
CA LEU A 89 1.69 -8.57 3.65
C LEU A 89 1.78 -7.65 2.45
N THR A 90 2.92 -7.58 1.79
CA THR A 90 3.06 -6.72 0.61
C THR A 90 3.62 -7.41 -0.64
N MET A 91 2.84 -7.34 -1.71
CA MET A 91 3.14 -7.97 -2.98
C MET A 91 3.86 -7.02 -3.92
N GLU A 92 5.02 -7.49 -4.39
CA GLU A 92 5.85 -6.72 -5.31
C GLU A 92 6.47 -7.64 -6.36
N MET A 93 6.24 -7.31 -7.63
CA MET A 93 6.64 -8.21 -8.72
C MET A 93 8.07 -8.00 -9.21
N ASN A 94 8.60 -6.82 -8.97
CA ASN A 94 9.93 -6.50 -9.39
C ASN A 94 10.94 -6.78 -8.27
N PRO A 95 11.83 -7.78 -8.46
CA PRO A 95 12.69 -8.19 -7.34
C PRO A 95 13.68 -7.14 -6.88
N ASP A 96 14.16 -6.31 -7.80
CA ASP A 96 15.00 -5.15 -7.42
C ASP A 96 14.26 -4.22 -6.41
N TYR A 97 12.95 -4.00 -6.65
CA TYR A 97 12.08 -3.25 -5.75
C TYR A 97 11.81 -3.99 -4.44
N ALA A 98 11.47 -5.28 -4.52
CA ALA A 98 11.24 -6.12 -3.34
C ALA A 98 12.49 -6.27 -2.45
N ALA A 99 13.66 -6.00 -3.04
CA ALA A 99 14.92 -6.06 -2.31
C ALA A 99 15.16 -4.74 -1.58
N ILE A 100 14.82 -3.64 -2.23
CA ILE A 100 14.94 -2.34 -1.60
C ILE A 100 13.95 -2.17 -0.46
N THR A 101 12.73 -2.65 -0.68
CA THR A 101 11.65 -2.58 0.30
C THR A 101 12.03 -3.35 1.56
N GLN A 102 12.71 -4.48 1.41
CA GLN A 102 13.21 -5.23 2.56
C GLN A 102 14.23 -4.45 3.37
N GLN A 103 15.19 -3.83 2.67
CA GLN A 103 16.23 -3.00 3.28
C GLN A 103 15.64 -1.77 3.98
N MET A 104 14.56 -1.25 3.41
CA MET A 104 13.89 -0.07 3.92
C MET A 104 13.12 -0.42 5.17
N LEU A 105 12.33 -1.49 5.11
CA LEU A 105 11.67 -2.00 6.29
C LEU A 105 12.67 -2.31 7.40
N ASN A 106 13.75 -3.00 7.04
CA ASN A 106 14.77 -3.38 8.00
C ASN A 106 15.31 -2.17 8.77
N PHE A 107 15.66 -1.12 8.03
CA PHE A 107 16.17 0.11 8.58
C PHE A 107 15.18 0.75 9.57
N ALA A 108 13.89 0.75 9.19
CA ALA A 108 12.83 1.35 9.96
C ALA A 108 12.52 0.61 11.26
N GLY A 109 12.93 -0.65 11.33
CA GLY A 109 12.63 -1.50 12.49
C GLY A 109 11.37 -2.33 12.35
N LEU A 110 10.79 -2.33 11.14
CA LEU A 110 9.45 -2.88 10.96
C LEU A 110 9.37 -4.29 10.38
N GLN A 111 10.52 -4.89 10.14
CA GLN A 111 10.60 -6.21 9.50
C GLN A 111 9.81 -7.33 10.19
N ASP A 112 9.48 -7.18 11.47
CA ASP A 112 8.70 -8.23 12.13
C ASP A 112 7.21 -8.08 11.89
N LYS A 113 6.81 -6.91 11.40
CA LYS A 113 5.42 -6.63 11.06
C LYS A 113 5.10 -6.96 9.59
N VAL A 114 6.13 -6.96 8.74
CA VAL A 114 5.92 -6.96 7.29
C VAL A 114 6.56 -8.13 6.56
N THR A 115 5.77 -8.77 5.74
CA THR A 115 6.22 -9.88 4.92
C THR A 115 6.11 -9.45 3.46
N ILE A 116 7.22 -9.51 2.75
CA ILE A 116 7.22 -9.26 1.33
C ILE A 116 6.93 -10.59 0.60
N LEU A 117 5.93 -10.55 -0.27
CA LEU A 117 5.65 -11.62 -1.18
C LEU A 117 6.16 -11.20 -2.55
N ASN A 118 7.26 -11.83 -3.00
CA ASN A 118 7.88 -11.50 -4.30
C ASN A 118 7.13 -12.21 -5.42
N GLY A 119 6.57 -11.43 -6.33
CA GLY A 119 5.70 -11.98 -7.34
C GLY A 119 4.64 -11.02 -7.84
N ALA A 120 3.76 -11.56 -8.68
CA ALA A 120 2.73 -10.77 -9.31
C ALA A 120 1.47 -11.15 -8.61
N SER A 121 0.75 -10.14 -8.13
CA SER A 121 -0.47 -10.30 -7.35
C SER A 121 -1.47 -11.33 -7.88
N GLN A 122 -1.65 -11.34 -9.21
CA GLN A 122 -2.58 -12.30 -9.83
C GLN A 122 -2.19 -13.75 -9.52
N ASP A 123 -0.88 -14.00 -9.44
CA ASP A 123 -0.34 -15.32 -9.09
C ASP A 123 -0.35 -15.57 -7.59
N LEU A 124 -0.02 -14.53 -6.82
CA LEU A 124 0.15 -14.63 -5.35
C LEU A 124 -1.15 -14.69 -4.58
N ILE A 125 -2.17 -13.93 -4.98
CA ILE A 125 -3.47 -13.90 -4.25
C ILE A 125 -4.09 -15.30 -4.04
N PRO A 126 -4.13 -16.14 -5.09
CA PRO A 126 -4.65 -17.47 -4.80
C PRO A 126 -3.77 -18.31 -3.84
N GLN A 127 -2.51 -17.95 -3.64
CA GLN A 127 -1.64 -18.72 -2.72
C GLN A 127 -1.70 -18.21 -1.26
N LEU A 128 -2.49 -17.15 -1.05
CA LEU A 128 -2.51 -16.42 0.22
C LEU A 128 -3.00 -17.25 1.42
N LYS A 129 -4.13 -17.94 1.27
CA LYS A 129 -4.69 -18.74 2.36
C LYS A 129 -3.80 -19.96 2.65
N LYS A 130 -3.46 -20.75 1.63
CA LYS A 130 -2.59 -21.93 1.78
C LYS A 130 -1.22 -21.59 2.36
N LYS A 131 -0.43 -20.77 1.65
CA LYS A 131 0.96 -20.51 2.08
C LYS A 131 1.18 -19.45 3.17
N TYR A 132 0.18 -18.64 3.48
CA TYR A 132 0.41 -17.58 4.47
C TYR A 132 -0.60 -17.52 5.62
N ASP A 133 -1.43 -18.54 5.74
CA ASP A 133 -2.35 -18.66 6.89
C ASP A 133 -3.21 -17.40 7.03
N VAL A 134 -3.96 -17.10 5.97
CA VAL A 134 -4.81 -15.94 5.97
C VAL A 134 -6.20 -16.50 5.98
N ASP A 135 -7.07 -15.99 6.83
CA ASP A 135 -8.48 -16.31 6.72
C ASP A 135 -9.11 -15.23 5.83
N THR A 136 -9.39 -14.06 6.39
CA THR A 136 -9.80 -12.91 5.58
C THR A 136 -8.93 -11.70 5.87
N LEU A 137 -8.88 -10.75 4.94
CA LEU A 137 -8.12 -9.53 5.14
C LEU A 137 -9.02 -8.47 5.78
N ASP A 138 -8.44 -7.65 6.66
CA ASP A 138 -9.19 -6.58 7.28
C ASP A 138 -9.11 -5.33 6.42
N MET A 139 -8.01 -5.18 5.72
CA MET A 139 -7.83 -4.04 4.87
C MET A 139 -6.94 -4.43 3.72
N VAL A 140 -7.15 -3.77 2.57
CA VAL A 140 -6.32 -3.93 1.37
C VAL A 140 -5.89 -2.58 0.82
N PHE A 141 -4.59 -2.31 0.71
CA PHE A 141 -4.16 -1.10 -0.01
C PHE A 141 -3.82 -1.45 -1.48
N LEU A 142 -4.52 -0.82 -2.43
CA LEU A 142 -4.28 -1.03 -3.88
C LEU A 142 -3.44 0.06 -4.48
N ASP A 143 -2.23 -0.25 -4.91
CA ASP A 143 -1.39 0.81 -5.44
C ASP A 143 -0.40 0.24 -6.48
N HIS A 144 -0.83 -0.82 -7.17
CA HIS A 144 0.02 -1.42 -8.22
C HIS A 144 -0.31 -0.87 -9.62
N TRP A 145 -0.14 -1.66 -10.68
CA TRP A 145 -0.56 -1.18 -12.00
C TRP A 145 -2.08 -0.99 -12.01
N LYS A 146 -2.50 0.14 -12.59
CA LYS A 146 -3.90 0.59 -12.49
C LYS A 146 -4.93 -0.33 -13.19
N ASP A 147 -4.50 -1.03 -14.24
CA ASP A 147 -5.35 -2.03 -14.92
C ASP A 147 -5.57 -3.28 -14.09
N ARG A 148 -4.80 -3.41 -12.99
CA ARG A 148 -4.98 -4.56 -12.08
C ARG A 148 -5.95 -4.42 -10.88
N TYR A 149 -6.39 -3.20 -10.61
CA TYR A 149 -7.26 -2.98 -9.45
C TYR A 149 -8.52 -3.80 -9.51
N LEU A 150 -9.28 -3.71 -10.60
CA LEU A 150 -10.54 -4.46 -10.68
C LEU A 150 -10.35 -6.00 -10.68
N PRO A 151 -9.48 -6.51 -11.58
CA PRO A 151 -9.23 -7.98 -11.67
C PRO A 151 -8.75 -8.53 -10.31
N ASP A 152 -7.77 -7.89 -9.67
CA ASP A 152 -7.33 -8.33 -8.32
C ASP A 152 -8.45 -8.22 -7.26
N THR A 153 -9.26 -7.16 -7.32
CA THR A 153 -10.45 -7.12 -6.41
C THR A 153 -11.41 -8.28 -6.62
N LEU A 154 -11.63 -8.64 -7.88
CA LEU A 154 -12.58 -9.73 -8.20
C LEU A 154 -11.95 -11.06 -7.78
N LEU A 155 -10.64 -11.14 -7.96
CA LEU A 155 -9.85 -12.29 -7.52
C LEU A 155 -9.83 -12.44 -5.98
N LEU A 156 -9.72 -11.32 -5.23
CA LEU A 156 -9.76 -11.39 -3.77
C LEU A 156 -11.10 -11.88 -3.32
N GLU A 157 -12.16 -11.39 -3.96
CA GLU A 157 -13.52 -11.82 -3.63
C GLU A 157 -13.70 -13.32 -3.91
N LYS A 158 -13.18 -13.78 -5.06
CA LYS A 158 -13.22 -15.18 -5.48
C LYS A 158 -12.53 -16.12 -4.49
N CYS A 159 -11.29 -15.81 -4.11
CA CYS A 159 -10.59 -16.66 -3.16
C CYS A 159 -11.04 -16.54 -1.70
N GLY A 160 -12.11 -15.80 -1.44
CA GLY A 160 -12.70 -15.75 -0.10
C GLY A 160 -11.91 -14.90 0.88
N LEU A 161 -11.08 -14.00 0.35
CA LEU A 161 -10.25 -13.12 1.22
C LEU A 161 -10.95 -11.86 1.78
N LEU A 162 -12.12 -11.54 1.25
CA LEU A 162 -12.87 -10.36 1.68
C LEU A 162 -13.93 -10.78 2.68
N ARG A 163 -14.19 -9.93 3.64
CA ARG A 163 -15.05 -10.23 4.76
C ARG A 163 -15.96 -9.00 4.86
N LYS A 164 -17.19 -9.20 5.33
CA LYS A 164 -18.08 -8.08 5.62
C LYS A 164 -17.36 -7.06 6.54
N GLY A 165 -17.12 -5.87 6.00
CA GLY A 165 -16.32 -4.85 6.70
C GLY A 165 -14.85 -4.68 6.26
N THR A 166 -14.34 -5.60 5.43
CA THR A 166 -13.01 -5.42 4.86
C THR A 166 -12.93 -4.08 4.12
N VAL A 167 -11.88 -3.32 4.42
CA VAL A 167 -11.65 -2.04 3.77
C VAL A 167 -10.66 -2.10 2.59
N LEU A 168 -11.12 -1.75 1.39
CA LEU A 168 -10.24 -1.57 0.25
C LEU A 168 -9.96 -0.10 0.11
N LEU A 169 -8.71 0.24 -0.04
CA LEU A 169 -8.31 1.62 -0.11
C LEU A 169 -7.41 1.74 -1.32
N ALA A 170 -7.77 2.63 -2.23
CA ALA A 170 -7.20 2.60 -3.57
C ALA A 170 -6.52 3.90 -3.87
N ASP A 171 -5.23 3.88 -4.22
CA ASP A 171 -4.54 5.10 -4.59
C ASP A 171 -4.79 5.33 -6.10
N ASN A 172 -4.59 6.57 -6.55
CA ASN A 172 -4.50 6.91 -7.98
C ASN A 172 -5.76 6.75 -8.79
N VAL A 173 -6.86 6.76 -8.06
CA VAL A 173 -8.18 6.60 -8.60
C VAL A 173 -8.56 7.72 -9.62
N ILE A 174 -7.85 8.85 -9.58
CA ILE A 174 -8.11 9.93 -10.52
C ILE A 174 -6.91 10.05 -11.45
N VAL A 175 -5.70 10.00 -10.90
CA VAL A 175 -4.48 10.09 -11.72
C VAL A 175 -3.45 9.06 -11.24
N PRO A 176 -2.95 8.21 -12.18
CA PRO A 176 -3.36 8.12 -13.61
C PRO A 176 -4.82 7.72 -13.86
N GLY A 177 -5.52 7.21 -12.87
CA GLY A 177 -6.94 6.84 -13.06
C GLY A 177 -7.11 5.34 -13.02
N THR A 178 -8.24 4.86 -12.49
CA THR A 178 -8.63 3.45 -12.51
C THR A 178 -10.13 3.37 -12.79
N PRO A 179 -10.56 3.83 -13.98
CA PRO A 179 -12.00 4.07 -14.23
C PRO A 179 -12.90 2.86 -14.04
N ASP A 180 -12.40 1.70 -14.45
CA ASP A 180 -13.18 0.48 -14.44
C ASP A 180 -13.37 0.02 -13.00
N PHE A 181 -12.32 0.08 -12.21
CA PHE A 181 -12.43 -0.24 -10.76
C PHE A 181 -13.44 0.72 -10.05
N LEU A 182 -13.26 2.03 -10.22
CA LEU A 182 -14.20 3.04 -9.66
C LEU A 182 -15.65 2.81 -10.06
N ALA A 183 -15.87 2.61 -11.37
CA ALA A 183 -17.21 2.33 -11.88
C ALA A 183 -17.71 1.09 -11.21
N TYR A 184 -16.87 0.07 -11.10
CA TYR A 184 -17.37 -1.20 -10.57
C TYR A 184 -17.70 -1.09 -9.10
N VAL A 185 -16.76 -0.54 -8.34
CA VAL A 185 -16.94 -0.44 -6.90
C VAL A 185 -18.09 0.53 -6.50
N ARG A 186 -18.14 1.71 -7.11
CA ARG A 186 -19.30 2.60 -6.84
C ARG A 186 -20.65 1.98 -7.22
N GLY A 187 -20.76 1.48 -8.46
CA GLY A 187 -22.01 0.83 -8.91
C GLY A 187 -22.44 -0.41 -8.14
N SER A 188 -21.50 -1.16 -7.61
CA SER A 188 -21.82 -2.45 -6.97
C SER A 188 -22.38 -2.26 -5.58
N SER A 189 -23.49 -2.94 -5.28
CA SER A 189 -24.10 -2.90 -3.96
C SER A 189 -23.37 -3.76 -2.97
N SER A 190 -22.26 -4.35 -3.39
CA SER A 190 -21.47 -5.13 -2.47
C SER A 190 -20.25 -4.32 -1.95
N PHE A 191 -20.15 -3.05 -2.36
CA PHE A 191 -19.11 -2.16 -1.88
C PHE A 191 -19.67 -0.75 -1.55
N GLU A 192 -19.51 -0.33 -0.28
CA GLU A 192 -19.85 1.03 0.17
C GLU A 192 -18.64 1.94 0.03
N CYS A 193 -18.75 2.99 -0.80
CA CYS A 193 -17.63 3.81 -1.15
C CYS A 193 -17.68 5.24 -0.61
N THR A 194 -16.48 5.74 -0.29
CA THR A 194 -16.27 7.13 0.09
C THR A 194 -15.06 7.55 -0.66
N HIS A 195 -15.07 8.76 -1.20
CA HIS A 195 -13.92 9.32 -1.89
C HIS A 195 -13.21 10.37 -1.02
N TYR A 196 -11.89 10.33 -0.95
CA TYR A 196 -11.11 11.26 -0.15
C TYR A 196 -10.19 12.00 -1.06
N SER A 197 -10.53 13.26 -1.35
CA SER A 197 -9.81 14.04 -2.34
C SER A 197 -8.47 14.52 -1.80
N SER A 198 -7.49 14.59 -2.68
CA SER A 198 -6.15 15.03 -2.30
C SER A 198 -5.38 15.48 -3.51
N TYR A 199 -4.05 15.37 -3.44
CA TYR A 199 -3.15 15.80 -4.52
C TYR A 199 -2.07 14.77 -4.77
N LEU A 200 -1.73 14.60 -6.04
CA LEU A 200 -0.67 13.69 -6.42
C LEU A 200 0.59 13.98 -5.62
N GLU A 201 1.40 12.95 -5.42
CA GLU A 201 2.65 13.05 -4.69
C GLU A 201 3.64 14.03 -5.35
N TYR A 202 4.13 14.95 -4.53
CA TYR A 202 5.21 15.87 -4.90
C TYR A 202 4.79 16.91 -5.96
N MET A 203 3.52 16.83 -6.40
CA MET A 203 2.92 17.75 -7.39
C MET A 203 1.41 17.98 -7.13
N LYS A 204 0.99 19.24 -6.99
CA LYS A 204 -0.44 19.53 -6.71
C LYS A 204 -1.39 19.42 -7.94
N VAL A 205 -1.50 18.19 -8.43
CA VAL A 205 -2.54 17.77 -9.37
C VAL A 205 -3.52 16.95 -8.55
N VAL A 206 -4.81 17.11 -8.84
CA VAL A 206 -5.86 16.50 -8.05
C VAL A 206 -5.98 14.98 -8.24
N ASP A 207 -5.54 14.22 -7.23
CA ASP A 207 -5.79 12.77 -7.18
C ASP A 207 -6.70 12.47 -5.98
N GLY A 208 -6.92 11.20 -5.65
CA GLY A 208 -7.73 10.86 -4.48
C GLY A 208 -7.63 9.38 -4.16
N LEU A 209 -8.01 9.02 -2.94
CA LEU A 209 -8.09 7.63 -2.58
C LEU A 209 -9.57 7.23 -2.55
N GLU A 210 -9.90 6.05 -3.05
CA GLU A 210 -11.22 5.57 -2.82
C GLU A 210 -11.14 4.57 -1.72
N LYS A 211 -12.04 4.68 -0.75
CA LYS A 211 -12.21 3.64 0.23
C LYS A 211 -13.45 2.93 -0.19
N ALA A 212 -13.35 1.61 -0.29
CA ALA A 212 -14.46 0.80 -0.68
C ALA A 212 -14.62 -0.34 0.33
N ILE A 213 -15.77 -0.35 1.02
CA ILE A 213 -15.98 -1.28 2.11
C ILE A 213 -16.91 -2.41 1.67
N TYR A 214 -16.39 -3.63 1.75
CA TYR A 214 -17.06 -4.80 1.26
C TYR A 214 -18.25 -5.12 2.16
N GLN A 215 -19.39 -5.38 1.52
CA GLN A 215 -20.67 -5.56 2.19
C GLN A 215 -21.09 -7.02 2.28
N GLY A 216 -20.36 -7.89 1.58
CA GLY A 216 -20.68 -9.31 1.52
C GLY A 216 -21.10 -9.72 0.12
MG MG B . 0.00 5.54 -6.02
N SAM C . 2.63 1.62 -2.79
CA SAM C . 4.04 2.04 -2.96
C SAM C . 4.36 3.24 -2.08
O SAM C . 3.44 4.02 -1.79
OXT SAM C . 5.50 3.48 -1.69
CB SAM C . 4.32 2.43 -4.40
CG SAM C . 3.99 1.30 -5.37
SD SAM C . 4.48 1.70 -7.06
CE SAM C . 3.12 2.82 -7.53
C5' SAM C . 3.75 0.27 -7.91
C4' SAM C . 4.52 -1.02 -7.76
O4' SAM C . 3.69 -2.13 -8.05
C3' SAM C . 5.75 -1.16 -8.65
O3' SAM C . 6.87 -1.32 -7.80
C2' SAM C . 5.48 -2.43 -9.47
O2' SAM C . 6.59 -3.26 -9.65
C1' SAM C . 4.46 -3.17 -8.61
N9 SAM C . 3.48 -3.91 -9.36
C8 SAM C . 2.85 -3.54 -10.53
N7 SAM C . 1.99 -4.53 -10.84
C5 SAM C . 2.04 -5.52 -9.90
C6 SAM C . 1.37 -6.72 -9.75
N6 SAM C . 0.46 -7.16 -10.64
N1 SAM C . 1.67 -7.50 -8.64
C2 SAM C . 2.62 -7.09 -7.73
N3 SAM C . 3.27 -5.90 -7.89
C4 SAM C . 2.98 -5.13 -8.96
O15 KOM D . 1.46 2.38 -12.38
C13 KOM D . 1.62 3.54 -11.98
O14 KOM D . 1.34 3.78 -10.66
C4 KOM D . 1.47 5.05 -10.14
C5 KOM D . 1.18 5.30 -8.70
O9 KOM D . 0.78 4.29 -7.86
C6 KOM D . 1.33 6.68 -8.20
O10 KOM D . 1.04 6.92 -6.90
C1 KOM D . 1.75 7.70 -9.08
C12 KOM D . 2.04 4.54 -12.85
C11 KOM D . 2.19 5.86 -12.43
C3 KOM D . 1.92 6.17 -10.99
C2 KOM D . 2.04 7.45 -10.43
C18 KOM D . 2.68 6.88 -13.42
C24 KOM D . 3.81 7.66 -13.10
C23 KOM D . 4.31 8.60 -14.00
C22 KOM D . 3.70 8.75 -15.25
C21 KOM D . 2.59 7.96 -15.59
C20 KOM D . 2.08 7.01 -14.68
#